data_2JDU
#
_entry.id   2JDU
#
_cell.length_a   52.627
_cell.length_b   74.886
_cell.length_c   53.466
_cell.angle_alpha   90.00
_cell.angle_beta   114.71
_cell.angle_gamma   90.00
#
_symmetry.space_group_name_H-M   'P 1 21 1'
#
loop_
_entity.id
_entity.type
_entity.pdbx_description
1 polymer 'FUCOSE-BINDING LECTIN PA-IIL'
2 non-polymer GLYCEROL
3 non-polymer 'SULFATE ION'
4 non-polymer 'CALCIUM ION'
5 non-polymer 'methyl alpha-L-fucopyranoside'
6 water water
#
_entity_poly.entity_id   1
_entity_poly.type   'polypeptide(L)'
_entity_poly.pdbx_seq_one_letter_code
;MATQGVFTLPANTRFGVTAFANSSNTQTVNVLVNNETAATFSGQSTNNAVIGTQVLNSGSSGKVQVQVSVNGRPSDLVSA
QVILTNELNFALVGSEDGTDNDYNDAVVVINWPLG
;
_entity_poly.pdbx_strand_id   A,B,C,D
#
loop_
_chem_comp.id
_chem_comp.type
_chem_comp.name
_chem_comp.formula
CA non-polymer 'CALCIUM ION' 'Ca 2'
GOL non-polymer GLYCEROL 'C3 H8 O3'
MFU L-saccharide 'methyl alpha-L-fucopyranoside' 'C7 H14 O5'
SO4 non-polymer 'SULFATE ION' 'O4 S -2'
#
# COMPACT_ATOMS: atom_id res chain seq x y z
N ALA A 2 -9.73 11.60 -9.86
CA ALA A 2 -10.47 10.82 -8.87
C ALA A 2 -10.43 11.50 -7.51
N THR A 3 -11.50 11.33 -6.74
CA THR A 3 -11.54 11.82 -5.34
C THR A 3 -10.36 11.26 -4.55
N GLN A 4 -9.80 12.10 -3.69
CA GLN A 4 -8.67 11.69 -2.80
C GLN A 4 -8.92 12.21 -1.40
N GLY A 5 -8.36 11.53 -0.43
CA GLY A 5 -8.45 11.98 0.98
C GLY A 5 -9.79 11.60 1.65
N VAL A 6 -10.54 10.66 1.07
CA VAL A 6 -11.81 10.20 1.61
C VAL A 6 -11.69 8.70 1.90
N PHE A 7 -12.00 8.27 3.11
CA PHE A 7 -11.86 6.87 3.45
C PHE A 7 -13.08 6.37 4.18
N THR A 8 -13.51 5.15 3.90
CA THR A 8 -14.59 4.53 4.69
C THR A 8 -14.01 3.57 5.72
N LEU A 9 -14.12 3.98 6.97
CA LEU A 9 -13.70 3.16 8.11
C LEU A 9 -14.83 2.26 8.60
N PRO A 10 -14.48 1.21 9.35
CA PRO A 10 -15.57 0.49 10.04
C PRO A 10 -16.32 1.47 10.94
N ALA A 11 -17.64 1.31 11.10
CA ALA A 11 -18.44 2.22 11.93
C ALA A 11 -18.03 2.16 13.40
N ASN A 12 -18.20 3.29 14.09
CA ASN A 12 -18.05 3.33 15.54
C ASN A 12 -16.72 2.83 16.04
N THR A 13 -15.67 3.21 15.30
CA THR A 13 -14.31 2.76 15.59
C THR A 13 -13.37 3.91 15.87
N ARG A 14 -12.62 3.84 16.97
N ARG A 14 -12.63 3.87 16.97
CA ARG A 14 -11.57 4.80 17.27
CA ARG A 14 -11.61 4.90 17.22
C ARG A 14 -10.43 4.72 16.24
C ARG A 14 -10.40 4.73 16.29
N PHE A 15 -9.91 5.88 15.84
CA PHE A 15 -8.74 5.91 14.95
C PHE A 15 -7.89 7.04 15.35
N GLY A 16 -6.60 6.94 14.99
CA GLY A 16 -5.68 8.04 15.20
C GLY A 16 -5.50 8.81 13.90
N VAL A 17 -5.27 10.12 13.99
CA VAL A 17 -4.94 10.93 12.82
C VAL A 17 -3.79 11.83 13.20
N THR A 18 -2.77 11.87 12.34
CA THR A 18 -1.52 12.60 12.65
C THR A 18 -1.06 13.37 11.41
N ALA A 19 -0.74 14.64 11.59
CA ALA A 19 -0.37 15.47 10.46
C ALA A 19 1.05 15.99 10.62
N PHE A 20 1.80 15.95 9.52
CA PHE A 20 3.19 16.44 9.43
C PHE A 20 3.25 17.59 8.44
N ALA A 21 4.16 18.55 8.68
CA ALA A 21 4.35 19.64 7.72
C ALA A 21 5.81 19.65 7.19
N ASN A 22 5.91 19.92 5.88
CA ASN A 22 7.23 20.01 5.19
C ASN A 22 7.08 21.05 4.06
N SER A 23 6.98 22.32 4.45
CA SER A 23 6.74 23.40 3.49
C SER A 23 7.18 24.73 4.08
N SER A 24 7.52 25.69 3.21
CA SER A 24 7.78 27.05 3.71
C SER A 24 6.48 27.72 4.15
N ASN A 25 5.33 27.19 3.68
CA ASN A 25 4.03 27.81 3.96
C ASN A 25 3.31 27.09 5.11
N THR A 26 2.58 27.85 5.91
CA THR A 26 1.74 27.29 6.95
C THR A 26 0.69 26.40 6.32
N GLN A 27 0.59 25.17 6.87
CA GLN A 27 -0.39 24.19 6.42
C GLN A 27 -1.55 24.16 7.38
N THR A 28 -2.79 24.06 6.87
CA THR A 28 -3.97 23.88 7.70
C THR A 28 -4.56 22.53 7.30
N VAL A 29 -4.69 21.65 8.27
CA VAL A 29 -5.22 20.28 8.03
C VAL A 29 -6.56 20.14 8.78
N ASN A 30 -7.62 19.81 8.06
CA ASN A 30 -8.91 19.59 8.68
C ASN A 30 -9.27 18.13 8.51
N VAL A 31 -9.82 17.53 9.57
CA VAL A 31 -10.28 16.13 9.52
C VAL A 31 -11.75 16.13 9.78
N LEU A 32 -12.51 15.59 8.82
CA LEU A 32 -13.98 15.56 8.91
C LEU A 32 -14.43 14.13 9.19
N VAL A 33 -15.45 13.99 10.05
CA VAL A 33 -16.11 12.70 10.29
C VAL A 33 -17.59 12.96 10.06
N ASN A 34 -18.21 12.12 9.22
CA ASN A 34 -19.61 12.35 8.78
C ASN A 34 -19.85 13.79 8.32
N ASN A 35 -18.91 14.30 7.55
CA ASN A 35 -19.01 15.61 6.90
C ASN A 35 -19.05 16.78 7.89
N GLU A 36 -18.51 16.55 9.09
N GLU A 36 -18.55 16.56 9.11
CA GLU A 36 -18.36 17.55 10.16
CA GLU A 36 -18.40 17.62 10.11
C GLU A 36 -16.89 17.68 10.54
C GLU A 36 -16.92 17.70 10.52
N THR A 37 -16.37 18.90 10.62
CA THR A 37 -15.01 19.08 11.12
C THR A 37 -14.92 18.47 12.53
N ALA A 38 -13.89 17.64 12.73
CA ALA A 38 -13.69 17.00 14.03
C ALA A 38 -12.31 17.27 14.60
N ALA A 39 -11.38 17.67 13.76
CA ALA A 39 -10.03 18.08 14.21
C ALA A 39 -9.44 19.07 13.24
N THR A 40 -8.70 20.06 13.76
N THR A 40 -8.61 19.97 13.74
N THR A 40 -8.66 20.02 13.74
CA THR A 40 -7.92 20.98 12.94
CA THR A 40 -7.95 21.00 12.95
CA THR A 40 -7.93 20.96 12.89
C THR A 40 -6.53 21.16 13.52
C THR A 40 -6.54 21.24 13.51
C THR A 40 -6.56 21.28 13.48
N PHE A 41 -5.55 21.25 12.61
CA PHE A 41 -4.12 21.43 13.01
C PHE A 41 -3.53 22.45 12.04
N SER A 42 -2.68 23.33 12.55
CA SER A 42 -2.01 24.28 11.66
C SER A 42 -0.54 24.44 12.05
N GLY A 43 0.31 24.69 11.08
CA GLY A 43 1.70 24.99 11.47
C GLY A 43 2.58 25.04 10.28
N GLN A 44 3.77 25.57 10.48
CA GLN A 44 4.79 25.66 9.45
C GLN A 44 6.03 24.92 9.93
N SER A 45 6.57 24.04 9.09
CA SER A 45 7.79 23.33 9.38
C SER A 45 8.40 22.85 8.08
N THR A 46 9.72 22.88 7.99
CA THR A 46 10.41 22.18 6.88
C THR A 46 11.18 20.96 7.42
N ASN A 47 10.78 20.52 8.62
CA ASN A 47 11.46 19.42 9.30
C ASN A 47 10.49 18.38 9.85
N ASN A 48 9.37 18.19 9.16
CA ASN A 48 8.45 17.10 9.52
C ASN A 48 7.82 17.25 10.91
N ALA A 49 7.61 18.49 11.35
CA ALA A 49 6.91 18.63 12.65
C ALA A 49 5.58 17.92 12.63
N VAL A 50 5.23 17.31 13.76
CA VAL A 50 3.88 16.77 13.98
C VAL A 50 2.99 17.95 14.37
N ILE A 51 2.36 18.55 13.37
CA ILE A 51 1.54 19.73 13.70
C ILE A 51 0.25 19.41 14.45
N GLY A 52 -0.11 18.14 14.53
CA GLY A 52 -1.16 17.70 15.43
C GLY A 52 -1.36 16.22 15.38
N THR A 53 -1.86 15.66 16.47
CA THR A 53 -2.31 14.26 16.47
C THR A 53 -3.55 14.18 17.34
N GLN A 54 -4.52 13.33 16.98
CA GLN A 54 -5.77 13.24 17.71
C GLN A 54 -6.33 11.84 17.56
N VAL A 55 -7.13 11.41 18.54
CA VAL A 55 -7.92 10.19 18.48
C VAL A 55 -9.38 10.62 18.26
N LEU A 56 -10.01 10.07 17.22
CA LEU A 56 -11.41 10.35 16.89
C LEU A 56 -12.18 9.06 16.74
N ASN A 57 -13.50 9.16 16.75
CA ASN A 57 -14.33 7.99 16.53
C ASN A 57 -15.01 8.11 15.15
N SER A 58 -14.99 7.02 14.37
CA SER A 58 -15.46 7.12 12.97
C SER A 58 -16.97 7.32 12.89
N GLY A 59 -17.66 7.02 14.00
CA GLY A 59 -19.12 7.30 14.11
C GLY A 59 -19.96 6.36 13.27
N SER A 60 -21.27 6.66 13.23
CA SER A 60 -22.21 5.75 12.60
C SER A 60 -21.94 5.55 11.12
N SER A 61 -21.37 6.57 10.46
CA SER A 61 -21.21 6.49 9.01
C SER A 61 -19.89 5.88 8.57
N GLY A 62 -18.89 5.95 9.42
CA GLY A 62 -17.55 5.54 8.99
C GLY A 62 -16.81 6.51 8.07
N LYS A 63 -17.43 7.63 7.66
CA LYS A 63 -16.82 8.43 6.59
C LYS A 63 -15.80 9.40 7.17
N VAL A 64 -14.55 9.30 6.74
CA VAL A 64 -13.49 10.22 7.21
C VAL A 64 -12.91 10.95 6.00
N GLN A 65 -12.82 12.28 6.06
CA GLN A 65 -12.21 13.04 4.97
C GLN A 65 -11.09 13.94 5.51
N VAL A 66 -9.96 13.98 4.82
CA VAL A 66 -8.88 14.88 5.17
C VAL A 66 -8.87 16.00 4.12
N GLN A 67 -8.78 17.27 4.57
CA GLN A 67 -8.64 18.43 3.68
C GLN A 67 -7.43 19.20 4.12
N VAL A 68 -6.73 19.78 3.16
CA VAL A 68 -5.55 20.59 3.47
C VAL A 68 -5.64 21.89 2.69
N SER A 69 -5.36 22.99 3.37
CA SER A 69 -5.33 24.26 2.69
C SER A 69 -4.17 25.11 3.16
N VAL A 70 -3.81 26.08 2.34
CA VAL A 70 -2.75 27.00 2.67
C VAL A 70 -3.31 28.39 2.48
N ASN A 71 -3.43 29.12 3.58
CA ASN A 71 -3.98 30.49 3.54
C ASN A 71 -5.36 30.51 2.85
N GLY A 72 -6.17 29.48 3.09
CA GLY A 72 -7.51 29.41 2.51
C GLY A 72 -7.61 28.81 1.12
N ARG A 73 -6.48 28.53 0.46
N ARG A 73 -6.47 28.50 0.48
CA ARG A 73 -6.52 27.86 -0.85
CA ARG A 73 -6.50 27.85 -0.83
C ARG A 73 -6.40 26.34 -0.65
C ARG A 73 -6.38 26.33 -0.67
N PRO A 74 -7.41 25.56 -1.11
CA PRO A 74 -7.32 24.08 -0.97
C PRO A 74 -6.10 23.50 -1.71
N SER A 75 -5.40 22.57 -1.07
CA SER A 75 -4.30 21.87 -1.74
C SER A 75 -4.83 20.62 -2.45
N ASP A 76 -4.15 20.23 -3.50
CA ASP A 76 -4.44 18.98 -4.22
C ASP A 76 -3.87 17.84 -3.37
N LEU A 77 -4.61 16.72 -3.31
CA LEU A 77 -4.20 15.57 -2.47
C LEU A 77 -3.92 14.32 -3.28
N VAL A 78 -3.10 13.45 -2.69
N VAL A 78 -3.15 13.43 -2.65
CA VAL A 78 -2.96 12.05 -3.14
CA VAL A 78 -2.97 12.06 -3.15
C VAL A 78 -3.26 11.19 -1.92
C VAL A 78 -3.13 11.13 -1.93
N SER A 79 -3.78 9.99 -2.15
CA SER A 79 -4.12 9.12 -1.00
C SER A 79 -4.23 7.63 -1.36
N ALA A 80 -4.19 6.81 -0.33
CA ALA A 80 -4.40 5.37 -0.48
C ALA A 80 -4.61 4.78 0.90
N GLN A 81 -5.24 3.60 0.93
CA GLN A 81 -5.36 2.86 2.20
C GLN A 81 -4.60 1.53 2.04
N VAL A 82 -3.82 1.14 3.05
N VAL A 82 -3.95 1.10 3.11
CA VAL A 82 -3.12 -0.16 3.05
CA VAL A 82 -3.18 -0.12 3.12
C VAL A 82 -3.42 -0.93 4.33
C VAL A 82 -3.61 -0.91 4.33
N ILE A 83 -3.67 -2.24 4.17
CA ILE A 83 -4.02 -3.11 5.27
C ILE A 83 -2.95 -4.21 5.40
N LEU A 84 -2.40 -4.38 6.59
CA LEU A 84 -1.42 -5.40 6.91
C LEU A 84 -2.06 -6.48 7.76
N THR A 85 -1.67 -7.73 7.47
CA THR A 85 -2.16 -8.94 8.14
C THR A 85 -3.68 -8.92 8.32
N ASN A 86 -4.38 -8.34 7.34
CA ASN A 86 -5.85 -8.29 7.32
C ASN A 86 -6.45 -7.62 8.56
N GLU A 87 -5.68 -6.80 9.28
CA GLU A 87 -6.18 -6.20 10.53
C GLU A 87 -5.68 -4.79 10.78
N LEU A 88 -4.44 -4.50 10.38
CA LEU A 88 -3.84 -3.20 10.76
C LEU A 88 -4.00 -2.25 9.57
N ASN A 89 -4.67 -1.12 9.77
CA ASN A 89 -5.04 -0.23 8.68
C ASN A 89 -4.32 1.10 8.75
N PHE A 90 -3.85 1.56 7.59
CA PHE A 90 -3.29 2.91 7.42
C PHE A 90 -4.02 3.58 6.27
N ALA A 91 -4.52 4.77 6.51
CA ALA A 91 -5.01 5.63 5.43
C ALA A 91 -4.04 6.79 5.32
N LEU A 92 -3.51 7.00 4.12
CA LEU A 92 -2.38 7.89 3.86
C LEU A 92 -2.75 9.02 2.95
N VAL A 93 -2.30 10.23 3.30
CA VAL A 93 -2.56 11.41 2.45
C VAL A 93 -1.30 12.24 2.32
N GLY A 94 -1.03 12.66 1.10
CA GLY A 94 -0.03 13.73 0.84
C GLY A 94 -0.69 14.91 0.12
N SER A 95 -0.07 16.08 0.22
CA SER A 95 -0.73 17.29 -0.37
C SER A 95 0.33 18.19 -0.98
N GLU A 96 -0.07 18.91 -2.02
CA GLU A 96 0.84 19.81 -2.75
C GLU A 96 0.23 21.21 -2.78
N ASP A 97 1.03 22.20 -2.39
CA ASP A 97 0.50 23.59 -2.38
C ASP A 97 1.04 24.41 -3.53
N GLY A 98 2.02 23.85 -4.23
CA GLY A 98 2.79 24.62 -5.20
C GLY A 98 3.08 23.86 -6.47
N THR A 99 4.36 23.88 -6.85
CA THR A 99 4.76 23.34 -8.16
C THR A 99 5.70 22.12 -8.10
N ASP A 100 6.59 22.06 -7.09
CA ASP A 100 7.70 21.07 -7.07
C ASP A 100 7.35 19.55 -7.02
N ASN A 101 6.10 19.21 -6.67
CA ASN A 101 5.51 17.87 -6.88
C ASN A 101 6.11 16.68 -6.14
N ASP A 102 6.35 16.83 -4.84
CA ASP A 102 6.57 15.67 -3.99
C ASP A 102 5.34 15.35 -3.16
N TYR A 103 4.36 16.27 -3.13
CA TYR A 103 3.14 16.05 -2.35
C TYR A 103 3.41 15.82 -0.85
N ASN A 104 4.42 16.51 -0.32
CA ASN A 104 4.83 16.30 1.09
C ASN A 104 4.62 17.54 1.90
N ASP A 105 3.96 18.54 1.31
CA ASP A 105 3.78 19.84 2.02
C ASP A 105 3.02 19.65 3.34
N ALA A 106 1.95 18.87 3.28
CA ALA A 106 1.36 18.31 4.49
C ALA A 106 1.12 16.85 4.21
N VAL A 107 1.45 16.03 5.22
CA VAL A 107 1.29 14.57 5.11
C VAL A 107 0.41 14.13 6.28
N VAL A 108 -0.58 13.29 6.03
CA VAL A 108 -1.46 12.87 7.10
C VAL A 108 -1.56 11.36 7.11
N VAL A 109 -1.47 10.79 8.31
CA VAL A 109 -1.59 9.34 8.49
C VAL A 109 -2.72 9.08 9.44
N ILE A 110 -3.63 8.20 9.03
CA ILE A 110 -4.70 7.70 9.86
C ILE A 110 -4.42 6.22 10.17
N ASN A 111 -4.53 5.80 11.43
CA ASN A 111 -4.33 4.41 11.75
C ASN A 111 -5.44 3.85 12.65
N TRP A 112 -5.80 2.60 12.40
CA TRP A 112 -6.69 1.89 13.30
C TRP A 112 -6.43 0.39 13.13
N PRO A 113 -6.87 -0.44 14.10
CA PRO A 113 -7.59 -0.08 15.33
C PRO A 113 -6.60 0.37 16.42
N LEU A 114 -7.16 0.95 17.47
CA LEU A 114 -6.35 1.43 18.59
C LEU A 114 -6.58 0.57 19.81
N GLY A 115 -5.86 0.88 20.89
CA GLY A 115 -6.20 0.29 22.22
C GLY A 115 -5.48 -1.00 22.50
N ALA B 2 9.06 -14.04 6.33
CA ALA B 2 9.98 -13.09 5.67
C ALA B 2 10.46 -12.06 6.67
N THR B 3 11.61 -11.48 6.35
CA THR B 3 12.11 -10.36 7.17
C THR B 3 11.09 -9.22 7.05
N GLN B 4 10.84 -8.54 8.18
CA GLN B 4 9.94 -7.36 8.22
C GLN B 4 10.62 -6.20 8.98
N GLY B 5 10.18 -4.98 8.71
CA GLY B 5 10.73 -3.78 9.38
C GLY B 5 12.05 -3.31 8.79
N VAL B 6 12.48 -3.82 7.64
CA VAL B 6 13.71 -3.37 6.99
C VAL B 6 13.35 -2.68 5.68
N PHE B 7 13.88 -1.47 5.47
CA PHE B 7 13.56 -0.68 4.23
C PHE B 7 14.80 -0.08 3.63
N THR B 8 14.86 -0.11 2.29
CA THR B 8 15.96 0.56 1.60
C THR B 8 15.47 1.92 1.12
N LEU B 9 16.01 2.96 1.75
CA LEU B 9 15.73 4.34 1.35
C LEU B 9 16.79 4.83 0.38
N PRO B 10 16.52 5.93 -0.36
CA PRO B 10 17.63 6.50 -1.11
C PRO B 10 18.76 6.91 -0.14
N ALA B 11 20.02 6.81 -0.56
CA ALA B 11 21.13 7.15 0.33
C ALA B 11 21.12 8.62 0.69
N ASN B 12 21.63 8.91 1.87
CA ASN B 12 21.89 10.30 2.31
C ASN B 12 20.69 11.18 2.18
N THR B 13 19.57 10.66 2.67
CA THR B 13 18.29 11.37 2.57
C THR B 13 17.65 11.43 3.95
N ARG B 14 17.15 12.62 4.29
CA ARG B 14 16.47 12.75 5.60
C ARG B 14 15.11 12.06 5.54
N PHE B 15 14.74 11.43 6.65
CA PHE B 15 13.41 10.85 6.78
C PHE B 15 12.90 11.10 8.20
N GLY B 16 11.57 11.08 8.32
CA GLY B 16 10.95 11.16 9.65
C GLY B 16 10.56 9.79 10.17
N VAL B 17 10.62 9.59 11.49
CA VAL B 17 10.14 8.38 12.07
C VAL B 17 9.26 8.76 13.26
N THR B 18 8.10 8.11 13.37
CA THR B 18 7.14 8.44 14.40
C THR B 18 6.56 7.16 14.94
N ALA B 19 6.40 7.09 16.26
CA ALA B 19 6.01 5.87 16.94
C ALA B 19 4.81 6.11 17.85
N PHE B 20 3.83 5.21 17.74
CA PHE B 20 2.59 5.26 18.52
C PHE B 20 2.46 3.98 19.35
N ALA B 21 1.85 4.05 20.54
CA ALA B 21 1.63 2.83 21.34
C ALA B 21 0.17 2.56 21.58
N ASN B 22 -0.21 1.26 21.67
CA ASN B 22 -1.59 0.87 21.95
C ASN B 22 -1.52 -0.43 22.75
N SER B 23 -1.08 -0.33 24.00
CA SER B 23 -0.92 -1.51 24.87
C SER B 23 -0.77 -1.03 26.31
N SER B 24 -1.08 -1.91 27.28
CA SER B 24 -0.76 -1.61 28.66
C SER B 24 0.72 -1.82 28.95
N ASN B 25 1.42 -2.58 28.08
CA ASN B 25 2.86 -2.77 28.26
C ASN B 25 3.62 -1.59 27.66
N THR B 26 4.66 -1.13 28.35
CA THR B 26 5.50 -0.09 27.77
C THR B 26 6.19 -0.68 26.54
N GLN B 27 6.26 0.13 25.45
CA GLN B 27 6.93 -0.29 24.21
C GLN B 27 8.25 0.40 24.01
N THR B 28 9.22 -0.32 23.43
CA THR B 28 10.52 0.26 23.05
C THR B 28 10.69 0.09 21.57
N VAL B 29 10.98 1.20 20.90
CA VAL B 29 11.21 1.18 19.44
C VAL B 29 12.62 1.63 19.18
N ASN B 30 13.38 0.81 18.45
CA ASN B 30 14.76 1.13 18.06
C ASN B 30 14.79 1.36 16.55
N VAL B 31 15.41 2.43 16.09
CA VAL B 31 15.54 2.67 14.68
C VAL B 31 17.03 2.57 14.35
N LEU B 32 17.38 1.61 13.48
CA LEU B 32 18.80 1.41 13.11
C LEU B 32 19.03 1.97 11.71
N VAL B 33 20.19 2.60 11.53
CA VAL B 33 20.63 3.06 10.23
C VAL B 33 21.98 2.37 9.96
N ASN B 34 22.04 1.60 8.87
CA ASN B 34 23.26 0.80 8.53
C ASN B 34 23.71 -0.02 9.74
N ASN B 35 22.74 -0.69 10.36
CA ASN B 35 22.98 -1.63 11.47
C ASN B 35 23.50 -1.02 12.76
N GLU B 36 23.35 0.28 12.95
CA GLU B 36 23.65 0.90 14.26
C GLU B 36 22.45 1.71 14.75
N THR B 37 22.15 1.63 16.04
CA THR B 37 21.03 2.40 16.61
C THR B 37 21.21 3.89 16.38
N ALA B 38 20.22 4.51 15.72
CA ALA B 38 20.17 5.94 15.47
C ALA B 38 19.17 6.68 16.37
N ALA B 39 18.14 5.96 16.84
CA ALA B 39 17.13 6.54 17.73
C ALA B 39 16.49 5.44 18.48
N THR B 40 16.07 5.76 19.72
N THR B 40 16.09 5.76 19.71
CA THR B 40 15.37 4.81 20.62
CA THR B 40 15.28 4.86 20.51
C THR B 40 14.27 5.54 21.39
C THR B 40 14.17 5.69 21.13
N PHE B 41 13.03 5.03 21.27
CA PHE B 41 11.83 5.63 21.86
C PHE B 41 11.19 4.63 22.80
N SER B 42 10.71 5.09 23.94
N SER B 42 10.68 5.08 23.93
CA SER B 42 9.95 4.20 24.80
CA SER B 42 10.01 4.18 24.88
C SER B 42 8.80 4.98 25.42
C SER B 42 8.89 4.88 25.63
N GLY B 43 7.70 4.27 25.62
CA GLY B 43 6.54 4.90 26.21
C GLY B 43 5.36 3.95 26.32
N GLN B 44 4.31 4.36 27.02
CA GLN B 44 3.18 3.49 27.23
C GLN B 44 1.92 4.30 26.95
N SER B 45 1.01 3.75 26.15
CA SER B 45 -0.31 4.33 25.93
C SER B 45 -1.26 3.27 25.42
N THR B 46 -2.54 3.35 25.83
CA THR B 46 -3.59 2.55 25.22
C THR B 46 -4.45 3.42 24.30
N ASN B 47 -3.95 4.60 23.94
N ASN B 47 -3.98 4.62 23.97
CA ASN B 47 -4.73 5.57 23.19
CA ASN B 47 -4.77 5.54 23.14
C ASN B 47 -3.95 6.16 22.02
C ASN B 47 -3.90 6.20 22.06
N ASN B 48 -3.00 5.41 21.47
CA ASN B 48 -2.25 5.82 20.28
C ASN B 48 -1.34 7.04 20.51
N ALA B 49 -0.93 7.28 21.75
CA ALA B 49 -0.04 8.45 21.95
C ALA B 49 1.26 8.31 21.21
N VAL B 50 1.78 9.43 20.75
CA VAL B 50 3.10 9.45 20.17
C VAL B 50 4.15 9.24 21.25
N ILE B 51 4.91 8.16 21.12
CA ILE B 51 5.98 7.85 22.10
C ILE B 51 7.36 8.24 21.59
N GLY B 52 7.40 8.65 20.33
CA GLY B 52 8.64 9.19 19.83
C GLY B 52 8.54 9.75 18.43
N THR B 53 9.32 10.78 18.14
CA THR B 53 9.40 11.25 16.75
C THR B 53 10.81 11.83 16.56
N GLN B 54 11.38 11.62 15.38
CA GLN B 54 12.72 12.15 15.12
C GLN B 54 12.89 12.29 13.59
N VAL B 55 13.87 13.10 13.24
CA VAL B 55 14.31 13.20 11.86
C VAL B 55 15.72 12.66 11.83
N LEU B 56 15.96 11.71 10.91
CA LEU B 56 17.26 11.02 10.79
C LEU B 56 17.72 11.06 9.34
N ASN B 57 18.99 10.67 9.13
CA ASN B 57 19.56 10.62 7.77
C ASN B 57 19.77 9.16 7.42
N SER B 58 19.35 8.72 6.23
CA SER B 58 19.44 7.31 5.85
C SER B 58 20.89 6.82 5.64
N GLY B 59 21.85 7.73 5.64
CA GLY B 59 23.29 7.33 5.52
C GLY B 59 23.68 6.75 4.18
N SER B 60 24.88 6.16 4.18
CA SER B 60 25.50 5.75 2.92
C SER B 60 24.78 4.60 2.22
N SER B 61 24.21 3.67 3.00
CA SER B 61 23.58 2.46 2.49
C SER B 61 22.09 2.67 2.22
N GLY B 62 21.48 3.65 2.89
CA GLY B 62 20.01 3.80 2.87
C GLY B 62 19.26 2.73 3.66
N LYS B 63 19.99 1.83 4.32
CA LYS B 63 19.29 0.73 5.04
C LYS B 63 18.77 1.22 6.37
N VAL B 64 17.44 1.13 6.56
CA VAL B 64 16.81 1.51 7.84
C VAL B 64 16.03 0.32 8.37
N GLN B 65 16.20 0.02 9.67
CA GLN B 65 15.52 -1.12 10.28
C GLN B 65 14.83 -0.66 11.52
N VAL B 66 13.56 -1.07 11.67
CA VAL B 66 12.79 -0.79 12.90
C VAL B 66 12.72 -2.08 13.70
N GLN B 67 13.03 -2.02 15.00
CA GLN B 67 12.92 -3.16 15.90
C GLN B 67 12.07 -2.71 17.06
N VAL B 68 11.21 -3.59 17.52
CA VAL B 68 10.33 -3.27 18.66
C VAL B 68 10.56 -4.33 19.72
N SER B 69 10.63 -3.90 20.98
CA SER B 69 10.73 -4.84 22.07
C SER B 69 9.85 -4.46 23.22
N VAL B 70 9.39 -5.47 23.95
CA VAL B 70 8.54 -5.26 25.09
C VAL B 70 9.06 -6.16 26.19
N ASN B 71 9.41 -5.57 27.33
CA ASN B 71 9.98 -6.37 28.43
C ASN B 71 11.23 -7.10 28.01
N GLY B 72 11.93 -6.55 27.04
CA GLY B 72 13.21 -7.11 26.61
C GLY B 72 13.08 -8.18 25.53
N ARG B 73 11.85 -8.50 25.12
CA ARG B 73 11.58 -9.56 24.09
C ARG B 73 11.25 -8.86 22.76
N PRO B 74 11.88 -9.30 21.65
CA PRO B 74 11.52 -8.72 20.35
C PRO B 74 10.10 -9.07 19.92
N SER B 75 9.33 -8.05 19.55
CA SER B 75 8.01 -8.24 19.03
C SER B 75 8.04 -8.67 17.54
N ASP B 76 7.05 -9.50 17.20
N ASP B 76 7.13 -9.57 17.17
CA ASP B 76 6.77 -9.88 15.81
CA ASP B 76 6.96 -9.92 15.76
C ASP B 76 6.32 -8.64 15.06
C ASP B 76 6.29 -8.76 15.02
N LEU B 77 6.83 -8.47 13.83
CA LEU B 77 6.46 -7.29 13.03
C LEU B 77 5.71 -7.66 11.77
N VAL B 78 4.94 -6.69 11.28
CA VAL B 78 4.43 -6.68 9.91
C VAL B 78 4.79 -5.36 9.30
N SER B 79 5.11 -5.32 8.01
CA SER B 79 5.56 -4.05 7.41
C SER B 79 5.26 -4.00 5.91
N ALA B 80 5.30 -2.80 5.36
CA ALA B 80 5.25 -2.62 3.89
C ALA B 80 5.66 -1.19 3.59
N GLN B 81 6.00 -0.92 2.33
CA GLN B 81 6.29 0.43 1.87
C GLN B 81 5.26 0.76 0.78
N VAL B 82 4.76 1.99 0.82
CA VAL B 82 3.81 2.46 -0.18
C VAL B 82 4.34 3.76 -0.73
N ILE B 83 4.24 3.93 -2.06
CA ILE B 83 4.70 5.14 -2.72
C ILE B 83 3.54 5.75 -3.51
N LEU B 84 3.23 7.00 -3.19
CA LEU B 84 2.15 7.75 -3.87
C LEU B 84 2.72 8.72 -4.88
N THR B 85 2.05 8.84 -6.05
CA THR B 85 2.47 9.69 -7.16
C THR B 85 3.97 9.63 -7.46
N ASN B 86 4.52 8.42 -7.28
CA ASN B 86 5.91 8.13 -7.65
C ASN B 86 6.94 8.98 -6.88
N GLU B 87 6.51 9.58 -5.76
CA GLU B 87 7.37 10.53 -5.01
C GLU B 87 7.29 10.48 -3.49
N LEU B 88 6.09 10.24 -2.99
CA LEU B 88 5.84 10.35 -1.54
C LEU B 88 5.86 8.95 -0.93
N ASN B 89 6.78 8.72 0.00
CA ASN B 89 7.05 7.38 0.52
C ASN B 89 6.64 7.20 1.95
N PHE B 90 5.98 6.06 2.21
CA PHE B 90 5.68 5.65 3.59
C PHE B 90 6.22 4.26 3.80
N ALA B 91 6.94 4.08 4.90
CA ALA B 91 7.36 2.77 5.34
C ALA B 91 6.65 2.54 6.68
N LEU B 92 5.88 1.46 6.78
CA LEU B 92 4.87 1.26 7.77
C LEU B 92 5.20 -0.04 8.54
N VAL B 93 5.11 -0.01 9.86
CA VAL B 93 5.40 -1.16 10.72
C VAL B 93 4.30 -1.26 11.76
N GLY B 94 3.79 -2.48 11.98
CA GLY B 94 3.00 -2.83 13.20
C GLY B 94 3.71 -3.94 13.96
N SER B 95 3.47 -4.03 15.25
CA SER B 95 4.12 -5.02 16.08
C SER B 95 3.14 -5.67 17.06
N GLU B 96 3.42 -6.93 17.43
CA GLU B 96 2.54 -7.69 18.35
C GLU B 96 3.39 -8.22 19.50
N ASP B 97 2.98 -7.90 20.72
CA ASP B 97 3.71 -8.36 21.90
C ASP B 97 3.04 -9.52 22.62
N GLY B 98 1.85 -9.90 22.16
CA GLY B 98 1.08 -10.97 22.82
C GLY B 98 0.52 -11.93 21.79
N THR B 99 -0.77 -12.21 21.90
CA THR B 99 -1.43 -13.13 20.97
C THR B 99 -2.49 -12.41 20.12
N ASP B 100 -3.10 -11.36 20.69
CA ASP B 100 -4.32 -10.69 20.16
C ASP B 100 -4.38 -10.33 18.64
N ASN B 101 -3.24 -10.09 18.01
CA ASN B 101 -3.17 -10.15 16.55
C ASN B 101 -3.62 -8.93 15.71
N ASP B 102 -3.89 -7.80 16.36
CA ASP B 102 -4.11 -6.57 15.59
C ASP B 102 -2.75 -5.94 15.24
N TYR B 103 -1.64 -6.39 15.83
CA TYR B 103 -0.31 -5.82 15.43
C TYR B 103 -0.24 -4.29 15.57
N ASN B 104 -0.88 -3.80 16.63
CA ASN B 104 -0.92 -2.36 16.88
C ASN B 104 -0.27 -1.95 18.18
N ASP B 105 0.47 -2.88 18.81
CA ASP B 105 0.98 -2.57 20.16
C ASP B 105 1.97 -1.40 20.08
N ALA B 106 2.84 -1.44 19.07
CA ALA B 106 3.59 -0.26 18.67
C ALA B 106 3.35 -0.15 17.16
N VAL B 107 3.10 1.06 16.68
CA VAL B 107 2.91 1.34 15.25
C VAL B 107 3.99 2.35 14.89
N VAL B 108 4.73 2.12 13.81
CA VAL B 108 5.79 3.03 13.43
C VAL B 108 5.58 3.48 12.00
N VAL B 109 5.69 4.78 11.75
CA VAL B 109 5.54 5.31 10.41
C VAL B 109 6.83 6.07 10.08
N ILE B 110 7.42 5.70 8.95
CA ILE B 110 8.57 6.39 8.37
C ILE B 110 8.12 7.11 7.09
N ASN B 111 8.50 8.38 6.95
CA ASN B 111 8.06 9.14 5.76
C ASN B 111 9.21 9.93 5.15
N TRP B 112 9.25 9.95 3.81
CA TRP B 112 10.20 10.83 3.11
C TRP B 112 9.60 11.10 1.71
N PRO B 113 10.12 12.13 1.01
CA PRO B 113 11.13 13.13 1.46
C PRO B 113 10.55 14.14 2.43
N LEU B 114 11.45 14.82 3.14
CA LEU B 114 11.10 15.95 4.02
C LEU B 114 11.40 17.27 3.32
N GLY B 115 11.12 18.38 4.01
N GLY B 115 11.00 18.37 3.97
CA GLY B 115 11.60 19.69 3.61
CA GLY B 115 11.14 19.68 3.38
C GLY B 115 10.71 20.42 2.63
C GLY B 115 12.55 20.19 3.55
N ALA C 2 3.30 -13.24 11.62
CA ALA C 2 1.91 -12.84 11.32
C ALA C 2 1.25 -13.70 10.23
N THR C 3 -0.05 -13.93 10.37
CA THR C 3 -0.79 -14.59 9.28
C THR C 3 -0.68 -13.75 7.99
N GLN C 4 -0.44 -14.43 6.87
CA GLN C 4 -0.34 -13.77 5.56
C GLN C 4 -1.21 -14.54 4.55
N GLY C 5 -1.66 -13.86 3.51
CA GLY C 5 -2.44 -14.53 2.46
C GLY C 5 -3.91 -14.71 2.79
N VAL C 6 -4.39 -14.07 3.85
CA VAL C 6 -5.78 -14.14 4.23
C VAL C 6 -6.40 -12.75 4.13
N PHE C 7 -7.55 -12.65 3.44
CA PHE C 7 -8.18 -11.34 3.20
C PHE C 7 -9.67 -11.43 3.47
N THR C 8 -10.24 -10.42 4.13
CA THR C 8 -11.72 -10.32 4.24
C THR C 8 -12.24 -9.41 3.14
N LEU C 9 -12.98 -9.98 2.18
CA LEU C 9 -13.64 -9.25 1.12
C LEU C 9 -15.07 -8.94 1.56
N PRO C 10 -15.73 -7.98 0.88
CA PRO C 10 -17.19 -7.85 1.12
C PRO C 10 -17.87 -9.14 0.69
N ALA C 11 -18.92 -9.51 1.41
CA ALA C 11 -19.62 -10.75 1.13
C ALA C 11 -20.29 -10.75 -0.24
N ASN C 12 -20.44 -11.96 -0.80
N ASN C 12 -20.39 -11.95 -0.78
CA ASN C 12 -21.17 -12.22 -2.06
CA ASN C 12 -21.12 -12.21 -2.00
C ASN C 12 -20.70 -11.38 -3.23
C ASN C 12 -20.71 -11.27 -3.12
N THR C 13 -19.39 -11.14 -3.27
CA THR C 13 -18.84 -10.23 -4.26
C THR C 13 -17.88 -10.98 -5.21
N ARG C 14 -18.03 -10.70 -6.50
CA ARG C 14 -17.14 -11.29 -7.51
C ARG C 14 -15.78 -10.59 -7.41
N PHE C 15 -14.75 -11.43 -7.48
CA PHE C 15 -13.38 -10.90 -7.53
C PHE C 15 -12.56 -11.71 -8.51
N GLY C 16 -11.48 -11.06 -9.02
CA GLY C 16 -10.52 -11.73 -9.90
C GLY C 16 -9.36 -12.27 -9.06
N VAL C 17 -8.90 -13.47 -9.37
CA VAL C 17 -7.64 -13.97 -8.78
C VAL C 17 -6.74 -14.46 -9.89
N THR C 18 -5.48 -14.02 -9.87
CA THR C 18 -4.56 -14.30 -10.97
C THR C 18 -3.21 -14.60 -10.39
N ALA C 19 -2.54 -15.65 -10.93
CA ALA C 19 -1.22 -16.10 -10.39
C ALA C 19 -0.17 -16.01 -11.49
N PHE C 20 1.04 -15.61 -11.08
CA PHE C 20 2.21 -15.46 -11.96
C PHE C 20 3.34 -16.31 -11.38
N ALA C 21 4.12 -16.96 -12.25
CA ALA C 21 5.25 -17.79 -11.76
C ALA C 21 6.59 -17.24 -12.16
N ASN C 22 7.54 -17.31 -11.22
CA ASN C 22 8.92 -16.88 -11.47
C ASN C 22 9.87 -17.78 -10.69
N SER C 23 9.98 -19.05 -11.11
CA SER C 23 10.79 -20.02 -10.34
C SER C 23 11.12 -21.19 -11.24
N SER C 24 12.28 -21.81 -11.01
CA SER C 24 12.59 -23.05 -11.71
C SER C 24 11.72 -24.22 -11.21
N ASN C 25 11.04 -24.06 -10.07
CA ASN C 25 10.18 -25.12 -9.57
C ASN C 25 8.72 -24.91 -9.99
N THR C 26 7.97 -25.98 -10.18
CA THR C 26 6.54 -25.86 -10.45
C THR C 26 5.80 -25.35 -9.22
N GLN C 27 4.99 -24.30 -9.42
CA GLN C 27 4.22 -23.70 -8.30
C GLN C 27 2.82 -24.26 -8.34
N THR C 28 2.23 -24.41 -7.15
CA THR C 28 0.83 -24.77 -7.06
C THR C 28 0.16 -23.75 -6.17
N VAL C 29 -0.86 -23.09 -6.71
CA VAL C 29 -1.50 -22.01 -5.93
C VAL C 29 -2.93 -22.49 -5.62
N ASN C 30 -3.31 -22.48 -4.35
CA ASN C 30 -4.68 -22.81 -4.02
C ASN C 30 -5.38 -21.57 -3.48
N VAL C 31 -6.63 -21.38 -3.90
CA VAL C 31 -7.41 -20.27 -3.42
C VAL C 31 -8.61 -20.84 -2.67
N LEU C 32 -8.73 -20.51 -1.38
CA LEU C 32 -9.82 -21.02 -0.54
C LEU C 32 -10.85 -19.92 -0.31
N VAL C 33 -12.13 -20.26 -0.39
CA VAL C 33 -13.19 -19.32 -0.02
C VAL C 33 -13.97 -19.96 1.14
N ASN C 34 -14.07 -19.24 2.26
CA ASN C 34 -14.67 -19.81 3.48
C ASN C 34 -14.11 -21.20 3.73
N ASN C 35 -12.78 -21.28 3.68
CA ASN C 35 -12.02 -22.46 4.08
C ASN C 35 -12.20 -23.66 3.16
N GLU C 36 -12.80 -23.47 1.98
CA GLU C 36 -12.96 -24.54 0.98
C GLU C 36 -12.26 -24.16 -0.32
N THR C 37 -11.56 -25.12 -0.94
CA THR C 37 -10.84 -24.85 -2.18
C THR C 37 -11.78 -24.43 -3.27
N ALA C 38 -11.52 -23.27 -3.87
CA ALA C 38 -12.40 -22.73 -4.91
C ALA C 38 -11.65 -22.66 -6.26
N ALA C 39 -10.32 -22.61 -6.20
CA ALA C 39 -9.51 -22.59 -7.43
C ALA C 39 -8.12 -23.12 -7.17
N THR C 40 -7.52 -23.73 -8.19
CA THR C 40 -6.16 -24.22 -8.09
C THR C 40 -5.45 -23.94 -9.38
N PHE C 41 -4.24 -23.34 -9.30
CA PHE C 41 -3.44 -23.05 -10.50
C PHE C 41 -2.06 -23.65 -10.34
N SER C 42 -1.43 -24.03 -11.46
CA SER C 42 -0.09 -24.52 -11.35
C SER C 42 0.63 -24.26 -12.65
N GLY C 43 1.95 -24.12 -12.56
CA GLY C 43 2.77 -23.96 -13.76
C GLY C 43 4.22 -23.75 -13.40
N GLN C 44 5.09 -23.63 -14.40
CA GLN C 44 6.52 -23.48 -14.14
C GLN C 44 7.11 -22.50 -15.17
N SER C 45 7.41 -21.30 -14.71
CA SER C 45 8.05 -20.32 -15.52
C SER C 45 9.00 -19.43 -14.75
N THR C 46 10.05 -18.96 -15.43
CA THR C 46 10.91 -17.95 -14.83
C THR C 46 10.74 -16.58 -15.51
N ASN C 47 9.62 -16.40 -16.25
CA ASN C 47 9.38 -15.17 -17.00
C ASN C 47 7.92 -14.72 -16.80
N ASN C 48 7.41 -14.91 -15.58
CA ASN C 48 6.11 -14.29 -15.19
C ASN C 48 4.87 -14.83 -15.92
N ALA C 49 4.90 -16.13 -16.32
CA ALA C 49 3.70 -16.73 -16.93
C ALA C 49 2.47 -16.56 -16.05
N VAL C 50 1.34 -16.25 -16.67
CA VAL C 50 0.07 -16.19 -15.96
C VAL C 50 -0.52 -17.60 -15.93
N ILE C 51 -0.10 -18.32 -14.89
CA ILE C 51 -0.42 -19.74 -14.78
C ILE C 51 -1.90 -19.99 -14.51
N GLY C 52 -2.59 -18.98 -14.01
CA GLY C 52 -4.05 -19.08 -13.94
C GLY C 52 -4.71 -17.74 -13.67
N THR C 53 -5.98 -17.62 -14.06
CA THR C 53 -6.78 -16.46 -13.72
C THR C 53 -8.25 -16.88 -13.73
N GLN C 54 -9.01 -16.37 -12.78
CA GLN C 54 -10.37 -16.89 -12.57
C GLN C 54 -11.19 -15.88 -11.81
N VAL C 55 -12.49 -15.81 -12.12
CA VAL C 55 -13.49 -15.04 -11.33
C VAL C 55 -14.13 -15.97 -10.30
N LEU C 56 -14.14 -15.54 -9.02
CA LEU C 56 -14.78 -16.27 -7.94
C LEU C 56 -15.74 -15.36 -7.19
N ASN C 57 -16.67 -15.98 -6.47
CA ASN C 57 -17.58 -15.21 -5.60
C ASN C 57 -17.08 -15.39 -4.18
N SER C 58 -16.98 -14.27 -3.43
CA SER C 58 -16.43 -14.32 -2.07
C SER C 58 -17.36 -15.04 -1.07
N GLY C 59 -18.60 -15.31 -1.48
CA GLY C 59 -19.53 -16.10 -0.65
C GLY C 59 -20.01 -15.36 0.60
N SER C 60 -20.69 -16.08 1.49
CA SER C 60 -21.34 -15.35 2.57
C SER C 60 -20.37 -14.87 3.65
N SER C 61 -19.19 -15.48 3.77
CA SER C 61 -18.20 -15.07 4.77
C SER C 61 -17.23 -13.97 4.29
N GLY C 62 -17.05 -13.86 2.97
CA GLY C 62 -16.04 -12.95 2.40
C GLY C 62 -14.59 -13.40 2.66
N LYS C 63 -14.36 -14.55 3.31
CA LYS C 63 -12.99 -14.95 3.68
C LYS C 63 -12.29 -15.60 2.49
N VAL C 64 -11.15 -15.05 2.09
CA VAL C 64 -10.37 -15.59 0.98
C VAL C 64 -8.95 -15.85 1.46
N GLN C 65 -8.42 -17.03 1.17
CA GLN C 65 -7.09 -17.40 1.62
C GLN C 65 -6.32 -17.98 0.45
N VAL C 66 -5.11 -17.47 0.26
CA VAL C 66 -4.20 -17.97 -0.78
C VAL C 66 -3.10 -18.81 -0.12
N GLN C 67 -2.87 -20.03 -0.65
CA GLN C 67 -1.80 -20.87 -0.21
C GLN C 67 -0.95 -21.22 -1.40
N VAL C 68 0.35 -21.29 -1.20
CA VAL C 68 1.21 -21.71 -2.29
C VAL C 68 2.11 -22.85 -1.83
N SER C 69 2.28 -23.83 -2.71
CA SER C 69 3.18 -24.93 -2.40
C SER C 69 4.03 -25.36 -3.57
N VAL C 70 5.15 -25.99 -3.25
CA VAL C 70 6.04 -26.51 -4.29
C VAL C 70 6.25 -27.96 -3.91
N ASN C 71 5.78 -28.86 -4.79
N ASN C 71 5.76 -28.87 -4.76
CA ASN C 71 5.63 -30.30 -4.50
CA ASN C 71 5.75 -30.34 -4.53
C ASN C 71 5.42 -30.58 -3.03
C ASN C 71 5.22 -30.85 -3.16
N GLY C 72 4.26 -30.12 -2.59
CA GLY C 72 3.73 -30.50 -1.29
C GLY C 72 4.21 -29.64 -0.16
N ARG C 73 5.31 -28.93 -0.38
N ARG C 73 5.35 -28.98 -0.32
CA ARG C 73 5.95 -28.12 0.65
CA ARG C 73 5.89 -28.15 0.76
C ARG C 73 5.38 -26.68 0.63
C ARG C 73 5.36 -26.72 0.66
N PRO C 74 4.73 -26.23 1.73
CA PRO C 74 4.21 -24.82 1.74
C PRO C 74 5.32 -23.79 1.58
N SER C 75 5.09 -22.78 0.76
CA SER C 75 6.03 -21.67 0.64
C SER C 75 5.72 -20.62 1.72
N ASP C 76 6.73 -19.83 2.06
CA ASP C 76 6.52 -18.70 2.99
C ASP C 76 5.84 -17.57 2.20
N LEU C 77 4.84 -16.94 2.82
CA LEU C 77 4.09 -15.89 2.17
C LEU C 77 4.35 -14.50 2.73
N VAL C 78 4.20 -13.52 1.84
CA VAL C 78 4.03 -12.11 2.25
C VAL C 78 2.79 -11.56 1.57
N SER C 79 2.12 -10.59 2.20
CA SER C 79 0.89 -10.09 1.60
C SER C 79 0.50 -8.74 2.14
N ALA C 80 -0.40 -8.08 1.44
CA ALA C 80 -1.00 -6.81 1.91
C ALA C 80 -2.23 -6.53 1.04
N GLN C 81 -3.10 -5.64 1.50
CA GLN C 81 -4.20 -5.17 0.65
C GLN C 81 -4.02 -3.65 0.47
N VAL C 82 -4.34 -3.16 -0.72
N VAL C 82 -4.33 -3.14 -0.71
CA VAL C 82 -4.30 -1.73 -1.04
CA VAL C 82 -4.28 -1.68 -0.92
C VAL C 82 -5.64 -1.30 -1.60
C VAL C 82 -5.54 -1.24 -1.65
N ILE C 83 -6.07 -0.09 -1.23
CA ILE C 83 -7.33 0.46 -1.78
C ILE C 83 -7.07 1.83 -2.35
N LEU C 84 -7.47 2.04 -3.62
CA LEU C 84 -7.32 3.31 -4.35
C LEU C 84 -8.67 4.00 -4.51
N THR C 85 -8.66 5.33 -4.34
CA THR C 85 -9.86 6.17 -4.40
C THR C 85 -11.04 5.59 -3.61
N ASN C 86 -10.70 4.95 -2.49
CA ASN C 86 -11.71 4.41 -1.58
C ASN C 86 -12.65 3.39 -2.21
N GLU C 87 -12.23 2.78 -3.33
N GLU C 87 -12.25 2.75 -3.31
CA GLU C 87 -13.14 1.97 -4.17
CA GLU C 87 -13.18 1.84 -4.01
C GLU C 87 -12.48 0.72 -4.74
C GLU C 87 -12.51 0.69 -4.79
N LEU C 88 -11.28 0.89 -5.26
CA LEU C 88 -10.61 -0.14 -6.08
C LEU C 88 -9.64 -0.92 -5.20
N ASN C 89 -9.84 -2.23 -5.12
CA ASN C 89 -9.15 -3.04 -4.12
C ASN C 89 -8.20 -4.03 -4.79
N PHE C 90 -6.98 -4.10 -4.25
CA PHE C 90 -6.03 -5.16 -4.61
C PHE C 90 -5.56 -5.89 -3.39
N ALA C 91 -5.64 -7.22 -3.39
CA ALA C 91 -5.01 -8.04 -2.35
C ALA C 91 -3.84 -8.77 -3.01
N LEU C 92 -2.66 -8.65 -2.41
CA LEU C 92 -1.39 -8.97 -3.06
C LEU C 92 -0.69 -10.08 -2.24
N VAL C 93 -0.15 -11.07 -2.93
CA VAL C 93 0.60 -12.13 -2.23
C VAL C 93 1.90 -12.38 -2.98
N GLY C 94 3.00 -12.54 -2.24
CA GLY C 94 4.24 -13.11 -2.83
C GLY C 94 4.62 -14.33 -2.02
N SER C 95 5.50 -15.14 -2.58
CA SER C 95 5.83 -16.44 -1.94
C SER C 95 7.27 -16.81 -2.29
N GLU C 96 7.92 -17.50 -1.34
CA GLU C 96 9.31 -17.90 -1.48
C GLU C 96 9.39 -19.39 -1.25
N ASP C 97 9.98 -20.11 -2.21
CA ASP C 97 10.09 -21.58 -2.16
C ASP C 97 11.54 -22.00 -1.92
N GLY C 98 12.43 -21.05 -1.71
CA GLY C 98 13.86 -21.33 -1.90
C GLY C 98 14.73 -20.51 -0.97
N THR C 99 15.90 -20.12 -1.49
CA THR C 99 16.94 -19.54 -0.63
C THR C 99 17.29 -18.10 -0.98
N ASP C 100 16.79 -17.59 -2.12
CA ASP C 100 17.29 -16.30 -2.60
C ASP C 100 16.44 -15.11 -2.15
N ASN C 101 15.29 -15.40 -1.54
CA ASN C 101 14.38 -14.38 -0.99
C ASN C 101 13.93 -13.25 -1.94
N ASP C 102 13.63 -13.62 -3.18
CA ASP C 102 12.99 -12.67 -4.08
C ASP C 102 11.46 -12.58 -3.83
N TYR C 103 10.86 -13.56 -3.12
CA TYR C 103 9.39 -13.65 -2.86
C TYR C 103 8.52 -13.47 -4.11
N ASN C 104 9.08 -13.90 -5.26
CA ASN C 104 8.34 -13.77 -6.51
C ASN C 104 8.06 -15.14 -7.11
N ASP C 105 8.24 -16.21 -6.32
CA ASP C 105 8.27 -17.53 -6.97
C ASP C 105 6.87 -17.86 -7.49
N ALA C 106 5.85 -17.53 -6.69
CA ALA C 106 4.48 -17.33 -7.22
C ALA C 106 4.00 -16.02 -6.63
N VAL C 107 3.40 -15.22 -7.51
CA VAL C 107 2.87 -13.90 -7.16
C VAL C 107 1.36 -13.98 -7.43
N VAL C 108 0.51 -13.56 -6.50
CA VAL C 108 -0.94 -13.65 -6.70
C VAL C 108 -1.54 -12.27 -6.50
N VAL C 109 -2.42 -11.88 -7.45
CA VAL C 109 -3.13 -10.63 -7.30
C VAL C 109 -4.60 -10.90 -7.35
N ILE C 110 -5.30 -10.39 -6.33
CA ILE C 110 -6.79 -10.45 -6.25
C ILE C 110 -7.28 -9.04 -6.44
N ASN C 111 -8.29 -8.85 -7.30
CA ASN C 111 -8.84 -7.52 -7.48
C ASN C 111 -10.38 -7.49 -7.50
N TRP C 112 -10.94 -6.44 -6.91
CA TRP C 112 -12.39 -6.23 -6.97
C TRP C 112 -12.62 -4.73 -6.79
N PRO C 113 -13.79 -4.21 -7.19
CA PRO C 113 -14.93 -4.94 -7.83
C PRO C 113 -14.67 -5.22 -9.28
N LEU C 114 -15.44 -6.17 -9.84
CA LEU C 114 -15.40 -6.45 -11.27
C LEU C 114 -16.61 -5.85 -12.00
N GLY C 115 -16.60 -5.95 -13.34
CA GLY C 115 -17.79 -5.60 -14.14
C GLY C 115 -17.84 -4.18 -14.63
N ALA D 2 -2.54 14.98 -8.95
CA ALA D 2 -1.19 14.49 -9.12
C ALA D 2 -1.07 13.60 -10.35
N THR D 3 0.15 13.49 -10.87
CA THR D 3 0.43 12.53 -11.94
C THR D 3 0.15 11.12 -11.41
N GLN D 4 -0.48 10.32 -12.27
CA GLN D 4 -0.76 8.92 -11.93
C GLN D 4 -0.30 8.02 -13.06
N GLY D 5 -0.04 6.76 -12.73
CA GLY D 5 0.37 5.75 -13.73
C GLY D 5 1.81 5.88 -14.19
N VAL D 6 2.62 6.63 -13.46
CA VAL D 6 4.06 6.73 -13.76
C VAL D 6 4.86 6.12 -12.61
N PHE D 7 5.82 5.25 -12.91
CA PHE D 7 6.59 4.55 -11.86
C PHE D 7 8.05 4.52 -12.23
N THR D 8 8.90 4.80 -11.23
CA THR D 8 10.37 4.62 -11.42
C THR D 8 10.82 3.27 -10.95
N LEU D 9 11.14 2.40 -11.93
CA LEU D 9 11.72 1.11 -11.63
C LEU D 9 13.25 1.21 -11.61
N PRO D 10 13.90 0.19 -11.04
CA PRO D 10 15.38 0.19 -11.21
C PRO D 10 15.68 0.15 -12.73
N ALA D 11 16.73 0.86 -13.22
CA ALA D 11 16.97 0.94 -14.68
C ALA D 11 17.33 -0.43 -15.25
N ASN D 12 17.11 -0.59 -16.55
CA ASN D 12 17.54 -1.78 -17.29
C ASN D 12 17.09 -3.09 -16.64
N THR D 13 15.86 -3.09 -16.11
CA THR D 13 15.32 -4.23 -15.35
C THR D 13 14.03 -4.82 -15.99
N ARG D 14 13.97 -6.15 -16.09
CA ARG D 14 12.73 -6.79 -16.63
C ARG D 14 11.58 -6.70 -15.64
N PHE D 15 10.40 -6.42 -16.17
CA PHE D 15 9.20 -6.41 -15.34
C PHE D 15 8.04 -6.96 -16.16
N GLY D 16 7.03 -7.44 -15.45
CA GLY D 16 5.79 -7.89 -16.09
C GLY D 16 4.75 -6.79 -16.09
N VAL D 17 3.93 -6.75 -17.11
CA VAL D 17 2.78 -5.86 -17.16
C VAL D 17 1.60 -6.65 -17.69
N THR D 18 0.46 -6.53 -16.99
CA THR D 18 -0.71 -7.32 -17.33
C THR D 18 -1.91 -6.44 -17.14
N ALA D 19 -2.83 -6.47 -18.11
CA ALA D 19 -4.04 -5.64 -18.09
C ALA D 19 -5.30 -6.51 -18.10
N PHE D 20 -6.28 -6.07 -17.31
CA PHE D 20 -7.60 -6.72 -17.17
C PHE D 20 -8.65 -5.70 -17.54
N ALA D 21 -9.74 -6.16 -18.16
CA ALA D 21 -10.84 -5.24 -18.54
C ALA D 21 -12.15 -5.58 -17.82
N ASN D 22 -12.89 -4.50 -17.46
CA ASN D 22 -14.21 -4.63 -16.79
C ASN D 22 -15.07 -3.46 -17.23
N SER D 23 -15.42 -3.45 -18.50
CA SER D 23 -16.20 -2.36 -19.07
C SER D 23 -16.91 -2.88 -20.32
N SER D 24 -18.06 -2.28 -20.65
CA SER D 24 -18.67 -2.56 -21.97
C SER D 24 -17.87 -2.02 -23.17
N ASN D 25 -16.92 -1.11 -22.91
CA ASN D 25 -16.13 -0.45 -23.96
C ASN D 25 -14.79 -1.11 -24.12
N THR D 26 -14.32 -1.15 -25.37
CA THR D 26 -12.95 -1.58 -25.64
C THR D 26 -11.93 -0.67 -24.97
N GLN D 27 -11.01 -1.29 -24.22
CA GLN D 27 -9.95 -0.54 -23.53
C GLN D 27 -8.65 -0.57 -24.34
N THR D 28 -7.96 0.57 -24.42
CA THR D 28 -6.64 0.59 -25.05
C THR D 28 -5.61 0.98 -23.99
N VAL D 29 -4.65 0.11 -23.73
CA VAL D 29 -3.64 0.38 -22.71
C VAL D 29 -2.29 0.53 -23.39
N ASN D 30 -1.63 1.67 -23.22
CA ASN D 30 -0.30 1.88 -23.70
C ASN D 30 0.70 1.89 -22.57
N VAL D 31 1.82 1.20 -22.74
CA VAL D 31 2.87 1.13 -21.74
C VAL D 31 4.10 1.78 -22.39
N LEU D 32 4.57 2.87 -21.78
CA LEU D 32 5.73 3.61 -22.31
C LEU D 32 6.96 3.29 -21.49
N VAL D 33 8.07 3.05 -22.21
CA VAL D 33 9.45 2.94 -21.68
C VAL D 33 10.38 3.77 -22.62
N ASN D 34 11.48 4.32 -22.12
CA ASN D 34 12.33 5.24 -22.91
C ASN D 34 11.47 6.24 -23.68
N ASN D 35 10.42 6.73 -22.98
CA ASN D 35 9.41 7.66 -23.53
C ASN D 35 8.85 7.28 -24.90
N GLU D 36 8.78 5.98 -25.18
CA GLU D 36 8.12 5.51 -26.41
C GLU D 36 7.22 4.36 -26.03
N THR D 37 6.20 4.10 -26.84
CA THR D 37 5.28 3.00 -26.60
C THR D 37 6.04 1.69 -26.77
N ALA D 38 6.06 0.88 -25.71
CA ALA D 38 6.75 -0.39 -25.71
C ALA D 38 5.77 -1.56 -25.85
N ALA D 39 4.52 -1.35 -25.42
CA ALA D 39 3.49 -2.37 -25.52
C ALA D 39 2.14 -1.67 -25.65
N THR D 40 1.24 -2.26 -26.42
CA THR D 40 -0.16 -1.78 -26.48
C THR D 40 -1.10 -2.97 -26.38
N PHE D 41 -2.03 -2.91 -25.43
CA PHE D 41 -3.04 -3.93 -25.29
C PHE D 41 -4.41 -3.34 -25.61
N SER D 42 -5.27 -4.14 -26.20
CA SER D 42 -6.59 -3.69 -26.58
C SER D 42 -7.52 -4.87 -26.38
N GLY D 43 -8.65 -4.64 -25.75
CA GLY D 43 -9.67 -5.69 -25.60
C GLY D 43 -10.86 -5.22 -24.84
N GLN D 44 -11.90 -6.06 -24.76
CA GLN D 44 -13.14 -5.71 -24.07
C GLN D 44 -13.59 -6.93 -23.25
N SER D 45 -13.86 -6.70 -21.98
CA SER D 45 -14.49 -7.72 -21.12
C SER D 45 -15.25 -7.02 -19.99
N THR D 46 -16.30 -7.67 -19.49
CA THR D 46 -16.95 -7.27 -18.24
C THR D 46 -16.69 -8.31 -17.15
N ASN D 47 -15.71 -9.19 -17.38
CA ASN D 47 -15.43 -10.28 -16.47
C ASN D 47 -13.93 -10.43 -16.14
N ASN D 48 -13.26 -9.27 -16.12
CA ASN D 48 -11.86 -9.23 -15.70
C ASN D 48 -10.95 -10.01 -16.62
N ALA D 49 -11.34 -10.16 -17.88
CA ALA D 49 -10.44 -10.90 -18.79
C ALA D 49 -9.09 -10.22 -18.93
N VAL D 50 -8.04 -11.05 -19.04
CA VAL D 50 -6.70 -10.54 -19.38
C VAL D 50 -6.74 -10.07 -20.85
N ILE D 51 -6.54 -8.78 -21.06
CA ILE D 51 -6.42 -8.22 -22.43
C ILE D 51 -5.01 -8.09 -22.97
N GLY D 52 -4.04 -8.36 -22.09
CA GLY D 52 -2.65 -8.35 -22.52
C GLY D 52 -1.77 -8.74 -21.35
N THR D 53 -0.65 -9.39 -21.65
CA THR D 53 0.43 -9.62 -20.66
C THR D 53 1.75 -9.69 -21.40
N GLN D 54 2.80 -9.08 -20.85
CA GLN D 54 4.08 -9.03 -21.57
C GLN D 54 5.19 -8.81 -20.57
N VAL D 55 6.43 -9.17 -20.94
CA VAL D 55 7.60 -8.83 -20.15
C VAL D 55 8.39 -7.77 -20.91
N LEU D 56 8.74 -6.67 -20.24
CA LEU D 56 9.46 -5.57 -20.87
C LEU D 56 10.69 -5.23 -20.04
N ASN D 57 11.60 -4.46 -20.63
CA ASN D 57 12.76 -3.95 -19.92
C ASN D 57 12.55 -2.47 -19.61
N SER D 58 12.83 -2.06 -18.37
CA SER D 58 12.59 -0.66 -17.94
C SER D 58 13.47 0.46 -18.57
N GLY D 59 14.46 0.06 -19.35
CA GLY D 59 15.22 1.05 -20.13
C GLY D 59 16.19 1.89 -19.30
N SER D 60 16.78 2.90 -19.92
CA SER D 60 17.91 3.61 -19.28
C SER D 60 17.50 4.39 -18.05
N SER D 61 16.25 4.88 -18.03
CA SER D 61 15.82 5.71 -16.93
C SER D 61 15.07 4.91 -15.89
N GLY D 62 14.56 3.75 -16.28
CA GLY D 62 13.68 2.98 -15.38
C GLY D 62 12.26 3.52 -15.30
N LYS D 63 11.97 4.61 -16.02
CA LYS D 63 10.64 5.25 -15.96
C LYS D 63 9.65 4.52 -16.84
N VAL D 64 8.58 4.03 -16.23
CA VAL D 64 7.52 3.29 -16.94
C VAL D 64 6.21 4.06 -16.79
N GLN D 65 5.47 4.30 -17.87
CA GLN D 65 4.22 5.02 -17.73
C GLN D 65 3.09 4.22 -18.38
N VAL D 66 1.95 4.14 -17.72
CA VAL D 66 0.77 3.45 -18.28
C VAL D 66 -0.26 4.52 -18.63
N GLN D 67 -0.82 4.46 -19.85
CA GLN D 67 -1.89 5.38 -20.25
C GLN D 67 -3.07 4.51 -20.71
N VAL D 68 -4.28 4.93 -20.40
CA VAL D 68 -5.47 4.16 -20.81
C VAL D 68 -6.42 5.10 -21.55
N SER D 69 -6.91 4.65 -22.70
CA SER D 69 -7.90 5.44 -23.40
C SER D 69 -9.00 4.53 -23.92
N VAL D 70 -10.17 5.12 -24.15
CA VAL D 70 -11.33 4.38 -24.64
C VAL D 70 -11.88 5.19 -25.78
N ASN D 71 -11.79 4.61 -26.97
CA ASN D 71 -12.28 5.26 -28.20
C ASN D 71 -11.76 6.70 -28.34
N GLY D 72 -10.48 6.87 -28.00
CA GLY D 72 -9.79 8.15 -28.12
C GLY D 72 -9.91 9.10 -26.95
N ARG D 73 -10.70 8.76 -25.93
CA ARG D 73 -10.85 9.60 -24.74
C ARG D 73 -9.88 9.09 -23.64
N PRO D 74 -9.11 9.99 -23.02
CA PRO D 74 -8.20 9.53 -21.95
C PRO D 74 -8.98 9.14 -20.69
N SER D 75 -8.76 7.94 -20.14
CA SER D 75 -9.41 7.56 -18.86
C SER D 75 -8.72 8.25 -17.69
N ASP D 76 -9.48 8.50 -16.62
CA ASP D 76 -8.89 9.06 -15.43
C ASP D 76 -8.21 7.91 -14.69
N LEU D 77 -6.97 8.14 -14.27
CA LEU D 77 -6.21 7.07 -13.62
C LEU D 77 -6.05 7.22 -12.12
N VAL D 78 -5.90 6.09 -11.43
CA VAL D 78 -5.44 6.07 -10.04
C VAL D 78 -4.27 5.09 -10.00
N SER D 79 -3.32 5.30 -9.08
CA SER D 79 -2.21 4.37 -9.03
C SER D 79 -1.46 4.46 -7.73
N ALA D 80 -0.69 3.40 -7.42
CA ALA D 80 0.22 3.39 -6.28
C ALA D 80 1.22 2.28 -6.48
N GLN D 81 2.34 2.33 -5.75
CA GLN D 81 3.31 1.24 -5.74
C GLN D 81 3.41 0.70 -4.31
N VAL D 82 3.46 -0.62 -4.17
CA VAL D 82 3.56 -1.26 -2.85
C VAL D 82 4.76 -2.20 -2.91
N ILE D 83 5.55 -2.21 -1.85
CA ILE D 83 6.74 -3.09 -1.75
C ILE D 83 6.62 -3.96 -0.51
N LEU D 84 6.75 -5.27 -0.74
CA LEU D 84 6.65 -6.28 0.32
C LEU D 84 8.01 -6.84 0.62
N THR D 85 8.30 -7.02 1.90
CA THR D 85 9.60 -7.52 2.41
C THR D 85 10.80 -6.86 1.73
N ASN D 86 10.64 -5.55 1.44
CA ASN D 86 11.73 -4.73 0.90
C ASN D 86 12.29 -5.27 -0.43
N GLU D 87 11.49 -6.10 -1.14
CA GLU D 87 12.01 -6.82 -2.31
C GLU D 87 10.99 -6.96 -3.45
N LEU D 88 9.72 -7.23 -3.08
CA LEU D 88 8.69 -7.61 -4.06
C LEU D 88 7.82 -6.40 -4.36
N ASN D 89 7.81 -6.00 -5.63
CA ASN D 89 7.22 -4.72 -6.03
C ASN D 89 5.98 -4.89 -6.89
N PHE D 90 4.95 -4.14 -6.55
CA PHE D 90 3.72 -4.02 -7.36
C PHE D 90 3.47 -2.59 -7.69
N ALA D 91 3.28 -2.28 -8.96
CA ALA D 91 2.84 -0.96 -9.39
C ALA D 91 1.45 -1.15 -10.02
N LEU D 92 0.46 -0.50 -9.43
CA LEU D 92 -0.94 -0.80 -9.68
C LEU D 92 -1.64 0.41 -10.28
N VAL D 93 -2.49 0.16 -11.27
CA VAL D 93 -3.24 1.25 -11.96
C VAL D 93 -4.70 0.84 -12.10
N GLY D 94 -5.61 1.71 -11.72
CA GLY D 94 -7.03 1.61 -12.11
C GLY D 94 -7.37 2.77 -13.02
N SER D 95 -8.49 2.63 -13.70
CA SER D 95 -8.89 3.65 -14.67
C SER D 95 -10.41 3.70 -14.82
N GLU D 96 -10.93 4.91 -15.11
CA GLU D 96 -12.37 5.13 -15.22
C GLU D 96 -12.67 5.76 -16.57
N ASP D 97 -13.62 5.13 -17.30
CA ASP D 97 -13.95 5.57 -18.64
C ASP D 97 -15.35 6.19 -18.72
N GLY D 98 -16.00 6.30 -17.58
CA GLY D 98 -17.37 6.83 -17.62
C GLY D 98 -17.74 7.57 -16.38
N THR D 99 -18.91 7.22 -15.86
CA THR D 99 -19.50 7.92 -14.73
C THR D 99 -19.58 7.16 -13.41
N ASP D 100 -19.60 5.83 -13.44
CA ASP D 100 -19.94 5.06 -12.20
C ASP D 100 -18.83 5.06 -11.17
N ASN D 101 -17.66 5.55 -11.58
CA ASN D 101 -16.47 5.64 -10.70
C ASN D 101 -16.07 4.36 -9.97
N ASP D 102 -16.12 3.23 -10.68
CA ASP D 102 -15.56 1.99 -10.12
C ASP D 102 -14.03 1.84 -10.33
N TYR D 103 -13.49 2.65 -11.24
CA TYR D 103 -12.04 2.67 -11.55
C TYR D 103 -11.45 1.29 -11.89
N ASN D 104 -12.30 0.40 -12.42
CA ASN D 104 -11.84 -0.94 -12.78
C ASN D 104 -11.90 -1.19 -14.29
N ASP D 105 -12.19 -0.13 -15.07
CA ASP D 105 -12.53 -0.37 -16.47
C ASP D 105 -11.36 -1.01 -17.22
N ALA D 106 -10.14 -0.51 -16.94
CA ALA D 106 -8.90 -1.26 -17.23
C ALA D 106 -8.12 -1.20 -15.94
N VAL D 107 -7.67 -2.37 -15.50
CA VAL D 107 -6.79 -2.50 -14.34
C VAL D 107 -5.45 -3.03 -14.84
N VAL D 108 -4.37 -2.42 -14.40
CA VAL D 108 -3.04 -2.79 -14.90
C VAL D 108 -2.16 -3.11 -13.70
N VAL D 109 -1.50 -4.26 -13.76
CA VAL D 109 -0.56 -4.67 -12.70
C VAL D 109 0.82 -4.78 -13.29
N ILE D 110 1.78 -4.07 -12.73
CA ILE D 110 3.20 -4.18 -13.09
C ILE D 110 3.89 -4.87 -11.88
N ASN D 111 4.70 -5.90 -12.14
CA ASN D 111 5.43 -6.54 -11.05
C ASN D 111 6.88 -6.80 -11.36
N TRP D 112 7.72 -6.71 -10.34
CA TRP D 112 9.13 -7.04 -10.49
C TRP D 112 9.68 -7.31 -9.07
N PRO D 113 10.81 -7.99 -8.96
CA PRO D 113 11.62 -8.59 -10.04
C PRO D 113 10.98 -9.84 -10.58
N LEU D 114 11.47 -10.25 -11.74
CA LEU D 114 11.06 -11.52 -12.36
C LEU D 114 12.20 -12.54 -12.20
N GLY D 115 11.95 -13.78 -12.63
CA GLY D 115 13.05 -14.75 -12.70
C GLY D 115 13.19 -15.61 -11.48
C1 GOL E . 29.81 11.00 5.78
O1 GOL E . 28.43 11.27 5.87
C2 GOL E . 29.95 9.50 5.77
O2 GOL E . 29.40 8.95 6.94
C3 GOL E . 31.41 9.14 5.74
O3 GOL E . 31.55 7.74 5.57
S SO4 F . 6.65 24.53 -0.75
O1 SO4 F . 5.28 24.80 -0.33
O2 SO4 F . 7.65 24.75 0.33
O3 SO4 F . 6.71 23.17 -1.30
O4 SO4 F . 6.97 25.52 -1.79
S SO4 G . 10.12 22.36 13.47
O1 SO4 G . 10.79 23.49 14.18
O2 SO4 G . 9.41 21.51 14.44
O3 SO4 G . 9.30 22.87 12.40
O4 SO4 G . 11.16 21.52 12.89
C1 GOL H . -8.25 19.89 17.23
O1 GOL H . -7.81 21.20 17.03
C2 GOL H . -9.66 20.14 17.76
O2 GOL H . -10.39 20.54 16.62
C3 GOL H . -10.24 18.89 18.41
O3 GOL H . -9.95 17.72 17.68
S SO4 I . -1.73 -6.09 24.41
O1 SO4 I . -0.31 -5.86 24.55
O2 SO4 I . -2.03 -6.20 22.98
O3 SO4 I . -2.10 -7.28 25.20
O4 SO4 I . -2.47 -4.98 25.00
S SO4 J . 26.27 5.54 7.65
O1 SO4 J . 26.37 6.88 8.22
O2 SO4 J . 27.31 4.68 8.19
O3 SO4 J . 24.95 4.99 7.97
O4 SO4 J . 26.45 5.68 6.21
CA CA K . 12.87 -17.39 -4.75
CA CA L . 12.16 -16.38 -8.25
C1 MFU M . 13.90 -20.94 -7.49
C2 MFU M . 13.50 -19.61 -6.93
C3 MFU M . 14.50 -18.52 -7.39
C4 MFU M . 14.73 -18.48 -8.90
C5 MFU M . 15.14 -19.88 -9.33
C6 MFU M . 15.53 -19.97 -10.82
O1 MFU M . 15.13 -21.35 -6.86
O2 MFU M . 13.41 -19.59 -5.48
O3 MFU M . 13.94 -17.25 -6.99
O4 MFU M . 13.52 -18.02 -9.53
O5 MFU M . 14.11 -20.82 -8.93
CM MFU M . 15.36 -22.77 -7.14
S SO4 N . -19.89 -19.76 1.46
O1 SO4 N . -20.14 -21.19 1.17
O2 SO4 N . -20.93 -18.92 0.86
O3 SO4 N . -19.86 -19.55 2.92
O4 SO4 N . -18.55 -19.42 0.95
S SO4 O . -20.87 -8.46 -7.99
O1 SO4 O . -21.81 -7.51 -7.42
O2 SO4 O . -20.11 -8.97 -6.92
O3 SO4 O . -21.64 -9.49 -8.68
O4 SO4 O . -20.04 -7.84 -9.01
CA CA P . -16.35 -1.11 -14.78
CA CA Q . -16.39 2.61 -14.79
C1 MFU R . -18.72 1.15 -18.57
C2 MFU R . -17.95 1.25 -17.25
C3 MFU R . -18.80 0.71 -16.08
C4 MFU R . -19.35 -0.68 -16.40
C5 MFU R . -20.07 -0.71 -17.76
C6 MFU R . -20.53 -2.13 -18.09
O1 MFU R . -19.86 1.99 -18.44
O2 MFU R . -17.53 2.57 -16.86
O3 MFU R . -17.98 0.61 -14.89
O4 MFU R . -18.21 -1.54 -16.39
O5 MFU R . -19.20 -0.21 -18.78
CM MFU R . -20.62 2.10 -19.67
S SO4 S . -16.22 -11.36 -21.35
O1 SO4 S . -16.31 -10.82 -22.72
O2 SO4 S . -14.80 -11.64 -21.05
O3 SO4 S . -16.98 -12.60 -21.31
O4 SO4 S . -16.79 -10.43 -20.39
#